data_1I58
#
_entry.id   1I58
#
_cell.length_a   40.820
_cell.length_b   48.930
_cell.length_c   77.040
_cell.angle_alpha   90.00
_cell.angle_beta   103.54
_cell.angle_gamma   90.00
#
_symmetry.space_group_name_H-M   'P 1 21 1'
#
loop_
_entity.id
_entity.type
_entity.pdbx_description
1 polymer 'CHEMOTAXIS PROTEIN CHEA'
2 non-polymer 'ACETATE ION'
3 non-polymer 'MAGNESIUM ION'
4 non-polymer 'PHOSPHOMETHYLPHOSPHONIC ACID ADENYLATE ESTER'
5 non-polymer "ADENOSINE-5'-DIPHOSPHATE"
6 water water
#
_entity_poly.entity_id   1
_entity_poly.type   'polypeptide(L)'
_entity_poly.pdbx_seq_one_letter_code
;GSHMVPISFVFNRFPRMVRDLAKKMNKEVNFIMRGEDTELDRTFVEEIGEPLLHLLRNAIDHGIEPKEERIAKGKPPIGT
LILSARHEGNNVVIEVEDDGRGIDKEKIIRKAIEKGLIDESKAATLSDQEILNFLFVPGFSTKEKVSEVSGRGVGMDVVK
NVVESLNGSISIESEKDKGTKVTIRLPLT
;
_entity_poly.pdbx_strand_id   A,B
#
# COMPACT_ATOMS: atom_id res chain seq x y z
N GLY A 1 30.37 -22.44 -2.24
CA GLY A 1 29.53 -23.01 -1.15
C GLY A 1 28.61 -22.00 -0.51
N SER A 2 27.58 -22.52 0.17
CA SER A 2 26.55 -21.74 0.87
C SER A 2 25.33 -21.47 -0.02
N HIS A 3 25.49 -21.75 -1.30
CA HIS A 3 24.41 -21.54 -2.27
C HIS A 3 23.99 -20.07 -2.29
N MET A 4 24.92 -19.19 -1.94
CA MET A 4 24.67 -17.75 -1.93
C MET A 4 25.61 -17.10 -2.94
N VAL A 5 25.17 -16.03 -3.57
CA VAL A 5 26.00 -15.31 -4.53
C VAL A 5 25.63 -13.84 -4.57
N PRO A 6 26.59 -12.97 -4.94
CA PRO A 6 26.30 -11.54 -5.00
C PRO A 6 25.31 -11.34 -6.14
N ILE A 7 24.34 -10.46 -5.96
CA ILE A 7 23.33 -10.24 -6.98
C ILE A 7 23.94 -9.72 -8.27
N SER A 8 25.21 -9.33 -8.22
CA SER A 8 25.91 -8.85 -9.39
C SER A 8 25.95 -9.95 -10.45
N PHE A 9 25.81 -11.21 -10.00
CA PHE A 9 25.81 -12.34 -10.93
C PHE A 9 24.77 -12.12 -12.02
N VAL A 10 23.71 -11.39 -11.69
CA VAL A 10 22.67 -11.08 -12.67
C VAL A 10 22.66 -9.58 -13.02
N PHE A 11 22.96 -8.72 -12.05
CA PHE A 11 22.99 -7.28 -12.30
C PHE A 11 24.03 -6.87 -13.36
N ASN A 12 25.18 -7.54 -13.36
CA ASN A 12 26.27 -7.23 -14.29
C ASN A 12 25.94 -7.03 -15.75
N ARG A 13 24.95 -7.73 -16.26
CA ARG A 13 24.63 -7.59 -17.68
C ARG A 13 23.64 -6.49 -17.99
N PHE A 14 23.06 -5.89 -16.97
CA PHE A 14 22.09 -4.84 -17.20
C PHE A 14 22.58 -3.51 -17.76
N PRO A 15 23.74 -3.01 -17.30
CA PRO A 15 24.19 -1.71 -17.86
C PRO A 15 24.20 -1.67 -19.39
N ARG A 16 24.84 -2.67 -20.00
CA ARG A 16 24.89 -2.72 -21.46
C ARG A 16 23.51 -2.91 -22.05
N MET A 17 22.70 -3.76 -21.42
CA MET A 17 21.36 -4.02 -21.91
C MET A 17 20.49 -2.76 -21.88
N VAL A 18 20.60 -1.99 -20.81
CA VAL A 18 19.84 -0.75 -20.68
C VAL A 18 20.30 0.26 -21.71
N ARG A 19 21.62 0.34 -21.90
CA ARG A 19 22.20 1.26 -22.87
C ARG A 19 21.59 0.96 -24.24
N ASP A 20 21.50 -0.32 -24.57
CA ASP A 20 20.96 -0.74 -25.86
C ASP A 20 19.47 -0.42 -26.00
N LEU A 21 18.66 -0.87 -25.04
CA LEU A 21 17.23 -0.62 -25.09
C LEU A 21 16.90 0.87 -25.12
N ALA A 22 17.70 1.66 -24.42
CA ALA A 22 17.50 3.10 -24.38
C ALA A 22 17.55 3.69 -25.78
N LYS A 23 18.56 3.30 -26.55
CA LYS A 23 18.65 3.84 -27.91
C LYS A 23 17.67 3.18 -28.87
N LYS A 24 17.36 1.90 -28.65
CA LYS A 24 16.42 1.20 -29.51
C LYS A 24 15.02 1.77 -29.31
N MET A 25 14.83 2.49 -28.21
CA MET A 25 13.56 3.12 -27.91
C MET A 25 13.71 4.64 -28.00
N ASN A 26 14.86 5.04 -28.53
CA ASN A 26 15.20 6.46 -28.72
C ASN A 26 14.98 7.29 -27.46
N LYS A 27 15.81 7.05 -26.45
CA LYS A 27 15.72 7.78 -25.19
C LYS A 27 17.11 7.80 -24.55
N GLU A 28 17.33 8.78 -23.70
CA GLU A 28 18.61 8.92 -23.01
C GLU A 28 18.35 8.60 -21.55
N VAL A 29 18.98 7.57 -21.03
CA VAL A 29 18.75 7.17 -19.65
C VAL A 29 19.99 7.19 -18.76
N ASN A 30 19.79 7.69 -17.55
CA ASN A 30 20.84 7.74 -16.53
C ASN A 30 20.54 6.51 -15.67
N PHE A 31 21.22 5.40 -15.98
CA PHE A 31 21.01 4.14 -15.26
C PHE A 31 21.96 3.95 -14.10
N ILE A 32 21.38 3.83 -12.92
CA ILE A 32 22.13 3.68 -11.68
C ILE A 32 21.86 2.32 -11.06
N MET A 33 22.92 1.60 -10.70
CA MET A 33 22.79 0.31 -10.02
C MET A 33 23.44 0.45 -8.65
N ARG A 34 22.75 -0.01 -7.62
CA ARG A 34 23.26 0.08 -6.26
C ARG A 34 23.14 -1.24 -5.52
N GLY A 35 24.09 -1.51 -4.63
CA GLY A 35 24.09 -2.74 -3.86
C GLY A 35 24.28 -4.03 -4.62
N GLU A 36 25.07 -3.99 -5.70
CA GLU A 36 25.30 -5.19 -6.50
C GLU A 36 26.07 -6.28 -5.76
N ASP A 37 26.63 -5.95 -4.60
CA ASP A 37 27.36 -6.95 -3.82
C ASP A 37 26.44 -7.71 -2.87
N THR A 38 25.21 -7.21 -2.71
CA THR A 38 24.23 -7.86 -1.84
C THR A 38 24.11 -9.33 -2.21
N GLU A 39 24.33 -10.21 -1.24
CA GLU A 39 24.26 -11.64 -1.51
C GLU A 39 22.90 -12.23 -1.18
N LEU A 40 22.50 -13.21 -1.99
CA LEU A 40 21.23 -13.90 -1.80
C LEU A 40 21.30 -15.28 -2.43
N ASP A 41 20.32 -16.13 -2.11
CA ASP A 41 20.26 -17.50 -2.61
C ASP A 41 20.46 -17.56 -4.12
N ARG A 42 21.35 -18.45 -4.56
CA ARG A 42 21.63 -18.57 -5.98
C ARG A 42 20.41 -18.88 -6.84
N THR A 43 19.48 -19.69 -6.33
CA THR A 43 18.29 -20.00 -7.10
C THR A 43 17.51 -18.72 -7.38
N PHE A 44 17.44 -17.84 -6.39
CA PHE A 44 16.72 -16.58 -6.55
C PHE A 44 17.38 -15.76 -7.65
N VAL A 45 18.71 -15.70 -7.60
CA VAL A 45 19.46 -14.95 -8.58
C VAL A 45 19.22 -15.47 -9.99
N GLU A 46 19.18 -16.79 -10.15
CA GLU A 46 18.96 -17.40 -11.45
C GLU A 46 17.54 -17.24 -11.97
N GLU A 47 16.59 -16.99 -11.08
CA GLU A 47 15.19 -16.83 -11.43
C GLU A 47 14.72 -15.38 -11.58
N ILE A 48 15.35 -14.50 -10.81
CA ILE A 48 14.94 -13.10 -10.81
C ILE A 48 15.39 -12.28 -12.02
N GLY A 49 16.29 -12.83 -12.83
CA GLY A 49 16.75 -12.12 -14.00
C GLY A 49 15.66 -11.73 -14.98
N GLU A 50 14.81 -12.70 -15.31
CA GLU A 50 13.70 -12.47 -16.23
C GLU A 50 12.80 -11.35 -15.71
N PRO A 51 12.31 -11.47 -14.45
CA PRO A 51 11.45 -10.44 -13.88
C PRO A 51 12.07 -9.05 -13.90
N LEU A 52 13.35 -8.96 -13.52
CA LEU A 52 14.02 -7.67 -13.48
C LEU A 52 14.08 -7.06 -14.87
N LEU A 53 14.37 -7.88 -15.88
CA LEU A 53 14.42 -7.36 -17.25
C LEU A 53 13.04 -6.79 -17.61
N HIS A 54 11.98 -7.51 -17.25
CA HIS A 54 10.62 -7.05 -17.51
C HIS A 54 10.38 -5.68 -16.89
N LEU A 55 10.83 -5.49 -15.66
CA LEU A 55 10.66 -4.21 -14.96
C LEU A 55 11.52 -3.10 -15.56
N LEU A 56 12.75 -3.43 -15.96
CA LEU A 56 13.61 -2.42 -16.56
C LEU A 56 13.05 -1.99 -17.92
N ARG A 57 12.61 -2.94 -18.73
CA ARG A 57 12.05 -2.61 -20.03
C ARG A 57 10.80 -1.75 -19.86
N ASN A 58 9.98 -2.09 -18.87
CA ASN A 58 8.78 -1.30 -18.60
C ASN A 58 9.16 0.15 -18.28
N ALA A 59 10.19 0.33 -17.47
CA ALA A 59 10.62 1.66 -17.09
C ALA A 59 11.09 2.47 -18.28
N ILE A 60 11.91 1.85 -19.12
CA ILE A 60 12.45 2.53 -20.29
C ILE A 60 11.39 2.76 -21.37
N ASP A 61 10.52 1.77 -21.55
CA ASP A 61 9.47 1.85 -22.56
C ASP A 61 8.28 2.71 -22.14
N HIS A 62 7.59 2.29 -21.08
CA HIS A 62 6.39 2.99 -20.61
C HIS A 62 6.59 4.15 -19.66
N GLY A 63 7.72 4.16 -18.95
CA GLY A 63 7.96 5.20 -17.97
C GLY A 63 8.70 6.42 -18.47
N ILE A 64 10.01 6.29 -18.64
CA ILE A 64 10.82 7.40 -19.11
C ILE A 64 10.28 7.88 -20.44
N GLU A 65 10.05 9.19 -20.52
CA GLU A 65 9.49 9.80 -21.72
C GLU A 65 10.58 10.29 -22.67
N PRO A 66 10.24 10.43 -23.96
CA PRO A 66 11.18 10.91 -24.98
C PRO A 66 11.65 12.30 -24.56
N LYS A 67 12.89 12.64 -24.92
CA LYS A 67 13.44 13.95 -24.57
C LYS A 67 12.44 15.08 -24.73
N GLU A 68 11.84 15.15 -25.93
CA GLU A 68 10.88 16.20 -26.23
C GLU A 68 9.73 16.25 -25.23
N GLU A 69 9.25 15.09 -24.80
CA GLU A 69 8.15 15.04 -23.85
C GLU A 69 8.54 15.52 -22.44
N ARG A 70 9.74 15.15 -22.00
CA ARG A 70 10.18 15.55 -20.67
C ARG A 70 10.41 17.05 -20.56
N ILE A 71 11.05 17.63 -21.56
CA ILE A 71 11.31 19.07 -21.57
C ILE A 71 9.97 19.82 -21.50
N ALA A 72 8.99 19.34 -22.27
CA ALA A 72 7.67 19.95 -22.29
C ALA A 72 7.04 19.86 -20.90
N LYS A 73 7.39 18.82 -20.16
CA LYS A 73 6.88 18.59 -18.82
C LYS A 73 7.59 19.39 -17.73
N GLY A 74 8.79 19.88 -18.04
CA GLY A 74 9.55 20.63 -17.05
C GLY A 74 10.47 19.71 -16.26
N LYS A 75 10.83 18.58 -16.86
CA LYS A 75 11.72 17.62 -16.22
C LYS A 75 13.04 17.58 -16.97
N PRO A 76 14.10 17.07 -16.34
CA PRO A 76 15.39 16.99 -17.03
C PRO A 76 15.19 16.16 -18.30
N PRO A 77 15.85 16.54 -19.39
CA PRO A 77 15.74 15.84 -20.68
C PRO A 77 15.99 14.34 -20.56
N ILE A 78 16.94 13.98 -19.70
CA ILE A 78 17.33 12.60 -19.48
C ILE A 78 16.65 12.01 -18.26
N GLY A 79 16.08 10.83 -18.41
CA GLY A 79 15.40 10.18 -17.31
C GLY A 79 16.34 9.36 -16.45
N THR A 80 15.90 9.05 -15.24
CA THR A 80 16.72 8.28 -14.32
C THR A 80 16.04 6.95 -14.00
N LEU A 81 16.83 5.88 -14.04
CA LEU A 81 16.37 4.53 -13.77
C LEU A 81 17.33 3.98 -12.72
N ILE A 82 16.81 3.57 -11.57
CA ILE A 82 17.65 3.06 -10.50
C ILE A 82 17.28 1.63 -10.14
N LEU A 83 18.27 0.75 -10.11
CA LEU A 83 18.09 -0.66 -9.75
C LEU A 83 18.96 -0.86 -8.51
N SER A 84 18.36 -1.23 -7.40
CA SER A 84 19.15 -1.41 -6.19
C SER A 84 18.75 -2.65 -5.43
N ALA A 85 19.67 -3.09 -4.59
CA ALA A 85 19.44 -4.26 -3.75
C ALA A 85 20.07 -3.92 -2.40
N ARG A 86 19.46 -4.43 -1.33
CA ARG A 86 19.97 -4.18 0.01
C ARG A 86 19.37 -5.19 0.97
N HIS A 87 20.03 -5.37 2.11
CA HIS A 87 19.54 -6.29 3.13
C HIS A 87 18.62 -5.48 4.04
N GLU A 88 17.53 -6.11 4.46
CA GLU A 88 16.57 -5.46 5.36
C GLU A 88 15.98 -6.58 6.22
N GLY A 89 16.43 -6.63 7.46
CA GLY A 89 15.96 -7.67 8.35
C GLY A 89 16.49 -8.98 7.81
N ASN A 90 15.62 -9.97 7.66
CA ASN A 90 16.02 -11.26 7.14
C ASN A 90 15.60 -11.40 5.68
N ASN A 91 15.49 -10.27 4.99
CA ASN A 91 15.09 -10.28 3.59
C ASN A 91 16.02 -9.44 2.74
N VAL A 92 15.94 -9.64 1.43
CA VAL A 92 16.73 -8.86 0.48
C VAL A 92 15.66 -8.08 -0.27
N VAL A 93 15.85 -6.77 -0.36
CA VAL A 93 14.86 -5.91 -1.02
C VAL A 93 15.47 -5.39 -2.31
N ILE A 94 14.75 -5.56 -3.41
CA ILE A 94 15.21 -5.10 -4.72
C ILE A 94 14.23 -4.08 -5.23
N GLU A 95 14.74 -2.93 -5.69
CA GLU A 95 13.86 -1.89 -6.17
C GLU A 95 14.24 -1.46 -7.58
N VAL A 96 13.21 -1.16 -8.37
CA VAL A 96 13.37 -0.65 -9.72
C VAL A 96 12.54 0.62 -9.72
N GLU A 97 13.22 1.76 -9.82
CA GLU A 97 12.54 3.04 -9.79
C GLU A 97 12.91 3.93 -10.96
N ASP A 98 11.92 4.63 -11.50
CA ASP A 98 12.16 5.55 -12.62
C ASP A 98 11.43 6.86 -12.32
N ASP A 99 11.84 7.94 -12.98
CA ASP A 99 11.19 9.22 -12.77
C ASP A 99 10.38 9.58 -14.01
N GLY A 100 9.75 8.54 -14.59
CA GLY A 100 8.96 8.70 -15.79
C GLY A 100 7.54 9.21 -15.63
N ARG A 101 6.68 8.83 -16.58
CA ARG A 101 5.29 9.29 -16.60
C ARG A 101 4.40 8.71 -15.51
N GLY A 102 4.82 7.60 -14.93
CA GLY A 102 4.05 6.96 -13.88
C GLY A 102 2.90 6.11 -14.42
N ILE A 103 2.33 5.30 -13.53
CA ILE A 103 1.21 4.44 -13.88
C ILE A 103 -0.02 5.32 -14.07
N ASP A 104 -0.80 5.04 -15.11
CA ASP A 104 -2.00 5.79 -15.42
C ASP A 104 -3.13 5.26 -14.52
N LYS A 105 -3.26 5.85 -13.34
CA LYS A 105 -4.27 5.42 -12.37
C LYS A 105 -5.70 5.60 -12.82
N GLU A 106 -5.97 6.70 -13.52
CA GLU A 106 -7.32 6.95 -14.00
C GLU A 106 -7.70 5.92 -15.06
N LYS A 107 -6.71 5.50 -15.84
CA LYS A 107 -6.95 4.50 -16.87
C LYS A 107 -7.34 3.19 -16.16
N ILE A 108 -6.62 2.85 -15.10
CA ILE A 108 -6.96 1.63 -14.35
C ILE A 108 -8.39 1.70 -13.81
N ILE A 109 -8.71 2.81 -13.16
CA ILE A 109 -10.05 3.00 -12.61
C ILE A 109 -11.11 2.86 -13.70
N ARG A 110 -10.91 3.54 -14.83
CA ARG A 110 -11.89 3.46 -15.91
C ARG A 110 -12.03 2.03 -16.43
N LYS A 111 -10.91 1.32 -16.50
CA LYS A 111 -10.94 -0.07 -16.96
C LYS A 111 -11.68 -0.95 -15.95
N ALA A 112 -11.47 -0.68 -14.67
CA ALA A 112 -12.13 -1.44 -13.61
C ALA A 112 -13.64 -1.24 -13.70
N ILE A 113 -14.05 -0.03 -14.05
CA ILE A 113 -15.47 0.27 -14.18
C ILE A 113 -16.04 -0.40 -15.41
N GLU A 114 -15.29 -0.31 -16.51
CA GLU A 114 -15.73 -0.93 -17.76
C GLU A 114 -15.91 -2.43 -17.57
N LYS A 115 -14.98 -3.06 -16.85
CA LYS A 115 -15.04 -4.49 -16.59
C LYS A 115 -16.04 -4.83 -15.48
N GLY A 116 -16.66 -3.80 -14.92
CA GLY A 116 -17.64 -4.00 -13.87
C GLY A 116 -17.14 -4.39 -12.49
N LEU A 117 -15.84 -4.26 -12.25
CA LEU A 117 -15.28 -4.62 -10.94
C LEU A 117 -15.72 -3.64 -9.87
N ILE A 118 -16.05 -2.42 -10.29
CA ILE A 118 -16.50 -1.35 -9.39
C ILE A 118 -17.37 -0.39 -10.19
N ASP A 119 -18.11 0.47 -9.50
CA ASP A 119 -18.93 1.46 -10.18
C ASP A 119 -18.28 2.82 -9.97
N GLU A 120 -18.87 3.87 -10.53
CA GLU A 120 -18.33 5.21 -10.40
C GLU A 120 -18.21 5.69 -8.96
N SER A 121 -19.22 5.40 -8.13
CA SER A 121 -19.20 5.81 -6.74
C SER A 121 -18.05 5.19 -5.96
N LYS A 122 -17.88 3.88 -6.13
CA LYS A 122 -16.81 3.18 -5.42
C LYS A 122 -15.45 3.61 -5.95
N ALA A 123 -15.34 3.79 -7.27
CA ALA A 123 -14.10 4.21 -7.89
C ALA A 123 -13.56 5.48 -7.25
N ALA A 124 -14.47 6.38 -6.88
CA ALA A 124 -14.10 7.66 -6.27
C ALA A 124 -13.47 7.52 -4.89
N THR A 125 -13.71 6.40 -4.22
CA THR A 125 -13.17 6.20 -2.87
C THR A 125 -11.94 5.30 -2.78
N LEU A 126 -11.54 4.71 -3.89
CA LEU A 126 -10.37 3.84 -3.88
C LEU A 126 -9.08 4.54 -3.48
N SER A 127 -8.25 3.85 -2.70
CA SER A 127 -6.97 4.38 -2.29
C SER A 127 -5.98 4.11 -3.42
N ASP A 128 -4.84 4.80 -3.39
CA ASP A 128 -3.82 4.62 -4.40
C ASP A 128 -3.39 3.15 -4.51
N GLN A 129 -3.14 2.52 -3.38
CA GLN A 129 -2.72 1.11 -3.37
C GLN A 129 -3.76 0.18 -3.96
N GLU A 130 -5.04 0.48 -3.73
CA GLU A 130 -6.11 -0.36 -4.26
C GLU A 130 -6.14 -0.24 -5.78
N ILE A 131 -5.92 0.96 -6.27
CA ILE A 131 -5.91 1.22 -7.70
C ILE A 131 -4.76 0.50 -8.36
N LEU A 132 -3.55 0.70 -7.83
CA LEU A 132 -2.36 0.06 -8.40
C LEU A 132 -2.41 -1.46 -8.29
N ASN A 133 -3.02 -1.96 -7.22
CA ASN A 133 -3.11 -3.41 -7.03
C ASN A 133 -3.89 -4.11 -8.13
N PHE A 134 -4.65 -3.34 -8.93
CA PHE A 134 -5.39 -3.96 -10.03
C PHE A 134 -4.43 -4.50 -11.09
N LEU A 135 -3.18 -4.04 -11.05
CA LEU A 135 -2.17 -4.49 -12.00
C LEU A 135 -1.81 -5.96 -11.75
N PHE A 136 -2.10 -6.43 -10.54
CA PHE A 136 -1.80 -7.81 -10.16
C PHE A 136 -3.00 -8.75 -10.24
N VAL A 137 -4.13 -8.22 -10.71
CA VAL A 137 -5.34 -9.03 -10.84
C VAL A 137 -5.33 -9.72 -12.20
N PRO A 138 -5.37 -11.06 -12.23
CA PRO A 138 -5.36 -11.79 -13.50
C PRO A 138 -6.61 -11.54 -14.34
N GLY A 139 -6.39 -11.32 -15.64
CA GLY A 139 -7.49 -11.08 -16.55
C GLY A 139 -8.05 -9.67 -16.46
N PHE A 140 -7.26 -8.75 -15.94
CA PHE A 140 -7.68 -7.37 -15.81
C PHE A 140 -7.35 -6.51 -17.02
N SER A 141 -6.07 -6.15 -17.16
CA SER A 141 -5.63 -5.32 -18.26
C SER A 141 -5.88 -5.92 -19.63
N THR A 142 -6.07 -5.05 -20.61
CA THR A 142 -6.32 -5.48 -21.98
C THR A 142 -5.01 -5.92 -22.61
N LYS A 143 -3.91 -5.24 -22.28
CA LYS A 143 -2.64 -5.64 -22.85
C LYS A 143 -2.33 -7.06 -22.39
N GLU A 144 -2.70 -7.40 -21.17
CA GLU A 144 -2.45 -8.76 -20.70
C GLU A 144 -2.97 -9.73 -21.76
N LYS A 145 -4.16 -9.46 -22.26
CA LYS A 145 -4.78 -10.28 -23.29
C LYS A 145 -3.96 -10.24 -24.57
N VAL A 146 -3.31 -9.11 -24.83
CA VAL A 146 -2.49 -8.95 -26.02
C VAL A 146 -1.26 -9.86 -25.97
N SER A 147 -0.49 -9.75 -24.88
CA SER A 147 0.71 -10.56 -24.72
C SER A 147 0.36 -12.06 -24.75
N GLU A 148 -0.80 -12.39 -24.20
CA GLU A 148 -1.23 -13.78 -24.16
C GLU A 148 -1.62 -14.35 -25.52
N VAL A 149 -1.80 -13.48 -26.51
CA VAL A 149 -2.14 -13.93 -27.86
C VAL A 149 -0.98 -14.75 -28.42
N SER A 150 0.22 -14.46 -27.94
CA SER A 150 1.42 -15.16 -28.38
C SER A 150 1.82 -16.30 -27.43
N GLY A 151 0.92 -16.67 -26.54
CA GLY A 151 1.20 -17.74 -25.60
C GLY A 151 2.33 -17.41 -24.64
N ARG A 152 2.30 -16.21 -24.09
CA ARG A 152 3.32 -15.76 -23.14
C ARG A 152 2.68 -14.87 -22.09
N GLY A 153 3.25 -14.88 -20.89
CA GLY A 153 2.73 -14.06 -19.82
C GLY A 153 3.13 -12.61 -19.96
N VAL A 154 2.24 -11.70 -19.55
CA VAL A 154 2.50 -10.27 -19.62
C VAL A 154 3.46 -9.92 -18.48
N GLY A 155 4.12 -8.77 -18.60
CA GLY A 155 5.06 -8.35 -17.58
C GLY A 155 4.65 -8.51 -16.13
N MET A 156 3.54 -7.89 -15.73
CA MET A 156 3.08 -7.97 -14.34
C MET A 156 2.82 -9.40 -13.88
N ASP A 157 2.31 -10.22 -14.79
CA ASP A 157 2.00 -11.63 -14.52
C ASP A 157 3.30 -12.37 -14.23
N VAL A 158 4.26 -12.26 -15.15
CA VAL A 158 5.55 -12.93 -15.01
C VAL A 158 6.31 -12.46 -13.77
N VAL A 159 6.36 -11.15 -13.56
CA VAL A 159 7.06 -10.62 -12.41
C VAL A 159 6.44 -11.14 -11.12
N LYS A 160 5.14 -10.91 -10.97
CA LYS A 160 4.42 -11.35 -9.76
C LYS A 160 4.54 -12.84 -9.47
N ASN A 161 4.28 -13.66 -10.49
CA ASN A 161 4.32 -15.10 -10.31
C ASN A 161 5.71 -15.69 -10.07
N VAL A 162 6.73 -15.17 -10.75
CA VAL A 162 8.07 -15.67 -10.51
C VAL A 162 8.48 -15.30 -9.08
N VAL A 163 8.15 -14.08 -8.66
CA VAL A 163 8.48 -13.64 -7.31
C VAL A 163 7.81 -14.51 -6.27
N GLU A 164 6.53 -14.81 -6.47
CA GLU A 164 5.82 -15.63 -5.51
C GLU A 164 6.33 -17.06 -5.46
N SER A 165 6.88 -17.55 -6.58
CA SER A 165 7.40 -18.92 -6.60
C SER A 165 8.63 -19.04 -5.69
N LEU A 166 9.19 -17.90 -5.32
CA LEU A 166 10.37 -17.83 -4.46
C LEU A 166 9.95 -17.41 -3.05
N ASN A 167 8.64 -17.36 -2.81
CA ASN A 167 8.08 -16.93 -1.53
C ASN A 167 8.40 -15.46 -1.27
N GLY A 168 8.48 -14.68 -2.35
CA GLY A 168 8.75 -13.26 -2.21
C GLY A 168 7.47 -12.45 -2.31
N SER A 169 7.58 -11.13 -2.15
CA SER A 169 6.42 -10.25 -2.25
C SER A 169 6.77 -9.12 -3.19
N ILE A 170 5.75 -8.50 -3.77
CA ILE A 170 5.98 -7.39 -4.68
C ILE A 170 4.94 -6.29 -4.49
N SER A 171 5.40 -5.05 -4.53
CA SER A 171 4.50 -3.92 -4.40
C SER A 171 4.86 -2.88 -5.44
N ILE A 172 3.90 -2.01 -5.75
CA ILE A 172 4.10 -0.96 -6.74
C ILE A 172 3.64 0.36 -6.14
N GLU A 173 4.45 1.39 -6.34
CA GLU A 173 4.10 2.72 -5.85
C GLU A 173 4.34 3.63 -7.05
N SER A 174 3.46 4.60 -7.23
CA SER A 174 3.61 5.50 -8.34
C SER A 174 2.77 6.74 -8.13
N GLU A 175 3.28 7.85 -8.62
CA GLU A 175 2.53 9.12 -8.53
C GLU A 175 2.38 9.67 -9.94
N LYS A 176 1.32 10.42 -10.18
CA LYS A 176 1.09 11.05 -11.47
C LYS A 176 2.31 11.83 -12.01
N ASP A 177 2.86 11.33 -13.10
CA ASP A 177 3.99 11.97 -13.78
C ASP A 177 5.26 12.08 -12.94
N LYS A 178 5.33 11.35 -11.82
CA LYS A 178 6.54 11.46 -10.98
C LYS A 178 7.29 10.14 -10.92
N GLY A 179 6.87 9.18 -11.72
CA GLY A 179 7.56 7.91 -11.71
C GLY A 179 6.89 6.70 -11.11
N THR A 180 7.62 5.59 -11.14
CA THR A 180 7.10 4.32 -10.63
C THR A 180 8.21 3.60 -9.87
N LYS A 181 7.86 2.98 -8.76
CA LYS A 181 8.83 2.25 -7.98
C LYS A 181 8.27 0.88 -7.69
N VAL A 182 8.96 -0.15 -8.14
CA VAL A 182 8.53 -1.53 -7.90
C VAL A 182 9.48 -2.11 -6.87
N THR A 183 8.91 -2.65 -5.81
CA THR A 183 9.74 -3.22 -4.75
C THR A 183 9.51 -4.71 -4.61
N ILE A 184 10.60 -5.47 -4.65
CA ILE A 184 10.53 -6.91 -4.49
C ILE A 184 11.26 -7.30 -3.22
N ARG A 185 10.59 -8.09 -2.37
CA ARG A 185 11.21 -8.56 -1.13
C ARG A 185 11.35 -10.07 -1.23
N LEU A 186 12.57 -10.55 -1.08
CA LEU A 186 12.84 -11.98 -1.16
C LEU A 186 13.44 -12.45 0.15
N PRO A 187 13.21 -13.72 0.50
CA PRO A 187 13.78 -14.22 1.74
C PRO A 187 15.29 -14.39 1.60
N LEU A 188 15.97 -14.52 2.72
CA LEU A 188 17.40 -14.72 2.68
C LEU A 188 17.63 -16.20 2.42
N THR A 189 17.11 -17.03 3.31
CA THR A 189 17.22 -18.48 3.20
C THR A 189 18.65 -18.93 2.92
N HIS B 3 -29.48 14.71 -0.51
CA HIS B 3 -29.98 14.86 0.90
C HIS B 3 -28.85 14.61 1.88
N MET B 4 -28.10 15.66 2.20
CA MET B 4 -26.97 15.54 3.11
C MET B 4 -27.17 16.31 4.41
N VAL B 5 -26.45 15.87 5.44
CA VAL B 5 -26.49 16.51 6.75
C VAL B 5 -25.07 16.55 7.29
N PRO B 6 -24.80 17.46 8.24
CA PRO B 6 -23.45 17.54 8.81
C PRO B 6 -23.07 16.26 9.55
N ILE B 7 -21.81 15.86 9.45
CA ILE B 7 -21.35 14.63 10.08
C ILE B 7 -21.42 14.71 11.61
N SER B 8 -21.75 15.91 12.12
CA SER B 8 -21.90 16.09 13.56
C SER B 8 -23.00 15.15 14.07
N PHE B 9 -23.94 14.76 13.21
CA PHE B 9 -25.00 13.84 13.64
C PHE B 9 -24.38 12.49 14.01
N VAL B 10 -23.17 12.22 13.50
CA VAL B 10 -22.47 10.98 13.81
C VAL B 10 -21.47 11.21 14.94
N PHE B 11 -20.73 12.31 14.82
CA PHE B 11 -19.68 12.64 15.78
C PHE B 11 -20.10 13.04 17.19
N ASN B 12 -21.25 13.70 17.33
CA ASN B 12 -21.71 14.17 18.65
C ASN B 12 -21.68 13.23 19.84
N ARG B 13 -22.05 11.96 19.66
CA ARG B 13 -22.06 11.05 20.79
C ARG B 13 -20.70 10.51 21.20
N PHE B 14 -19.67 10.79 20.42
CA PHE B 14 -18.35 10.25 20.71
C PHE B 14 -17.55 10.81 21.88
N PRO B 15 -17.54 12.13 22.09
CA PRO B 15 -16.77 12.70 23.20
C PRO B 15 -17.08 11.99 24.52
N ARG B 16 -18.36 11.80 24.78
CA ARG B 16 -18.84 11.15 25.99
C ARG B 16 -18.39 9.69 26.05
N MET B 17 -18.58 8.98 24.96
CA MET B 17 -18.18 7.58 24.89
C MET B 17 -16.68 7.39 25.05
N VAL B 18 -15.88 8.23 24.41
CA VAL B 18 -14.43 8.12 24.52
C VAL B 18 -14.01 8.39 25.95
N ARG B 19 -14.61 9.42 26.55
CA ARG B 19 -14.31 9.78 27.93
C ARG B 19 -14.55 8.59 28.86
N ASP B 20 -15.71 7.94 28.69
CA ASP B 20 -16.05 6.80 29.54
C ASP B 20 -15.15 5.58 29.31
N LEU B 21 -14.82 5.31 28.04
CA LEU B 21 -13.97 4.19 27.71
C LEU B 21 -12.58 4.34 28.31
N ALA B 22 -12.03 5.55 28.22
CA ALA B 22 -10.70 5.83 28.76
C ALA B 22 -10.69 5.64 30.27
N LYS B 23 -11.66 6.25 30.95
CA LYS B 23 -11.78 6.12 32.41
C LYS B 23 -11.81 4.65 32.79
N LYS B 24 -12.69 3.91 32.12
CA LYS B 24 -12.90 2.49 32.36
C LYS B 24 -11.67 1.63 32.12
N MET B 25 -10.81 2.04 31.19
CA MET B 25 -9.60 1.27 30.89
C MET B 25 -8.33 1.90 31.47
N ASN B 26 -8.51 2.82 32.42
CA ASN B 26 -7.39 3.49 33.08
C ASN B 26 -6.42 4.09 32.06
N LYS B 27 -6.97 4.73 31.05
CA LYS B 27 -6.16 5.37 30.02
C LYS B 27 -6.43 6.86 30.11
N GLU B 28 -5.43 7.66 29.77
CA GLU B 28 -5.58 9.12 29.77
C GLU B 28 -5.57 9.53 28.31
N VAL B 29 -6.71 10.02 27.85
CA VAL B 29 -6.85 10.41 26.46
C VAL B 29 -7.45 11.79 26.24
N ASN B 30 -6.83 12.55 25.33
CA ASN B 30 -7.34 13.86 24.97
C ASN B 30 -8.00 13.62 23.61
N PHE B 31 -9.32 13.77 23.56
CA PHE B 31 -10.08 13.54 22.34
C PHE B 31 -10.34 14.82 21.55
N ILE B 32 -9.99 14.78 20.28
CA ILE B 32 -10.14 15.91 19.38
C ILE B 32 -10.96 15.55 18.15
N MET B 33 -12.01 16.33 17.88
CA MET B 33 -12.84 16.14 16.70
C MET B 33 -12.66 17.34 15.76
N ARG B 34 -12.51 17.05 14.47
CA ARG B 34 -12.30 18.10 13.48
C ARG B 34 -13.20 17.89 12.26
N GLY B 35 -13.71 19.00 11.72
CA GLY B 35 -14.57 18.93 10.55
C GLY B 35 -15.96 18.40 10.77
N GLU B 36 -16.54 18.64 11.94
CA GLU B 36 -17.88 18.15 12.25
C GLU B 36 -18.96 18.75 11.34
N ASP B 37 -18.62 19.81 10.63
CA ASP B 37 -19.58 20.46 9.74
C ASP B 37 -19.60 19.79 8.36
N THR B 38 -18.64 18.90 8.12
CA THR B 38 -18.55 18.19 6.85
C THR B 38 -19.82 17.39 6.59
N GLU B 39 -20.45 17.63 5.45
CA GLU B 39 -21.68 16.94 5.09
C GLU B 39 -21.51 15.59 4.41
N LEU B 40 -22.48 14.71 4.61
CA LEU B 40 -22.47 13.38 4.01
C LEU B 40 -23.90 12.92 3.82
N ASP B 41 -24.10 11.94 2.95
CA ASP B 41 -25.42 11.41 2.67
C ASP B 41 -26.08 11.05 4.00
N ARG B 42 -27.32 11.46 4.21
CA ARG B 42 -28.00 11.17 5.46
C ARG B 42 -28.20 9.67 5.66
N THR B 43 -28.24 8.91 4.58
CA THR B 43 -28.42 7.47 4.70
C THR B 43 -27.18 6.76 5.24
N PHE B 44 -26.06 7.48 5.34
CA PHE B 44 -24.81 6.93 5.84
C PHE B 44 -24.70 7.06 7.36
N VAL B 45 -25.38 8.07 7.90
CA VAL B 45 -25.35 8.37 9.33
C VAL B 45 -25.46 7.22 10.33
N GLU B 46 -26.52 6.44 10.24
CA GLU B 46 -26.70 5.32 11.17
C GLU B 46 -25.66 4.23 10.97
N GLU B 47 -25.46 3.84 9.72
CA GLU B 47 -24.53 2.78 9.34
C GLU B 47 -23.07 2.98 9.70
N ILE B 48 -22.59 4.22 9.58
CA ILE B 48 -21.20 4.50 9.85
C ILE B 48 -20.84 4.68 11.33
N GLY B 49 -21.86 4.85 12.18
CA GLY B 49 -21.61 5.04 13.60
C GLY B 49 -20.90 3.89 14.29
N GLU B 50 -21.41 2.68 14.08
CA GLU B 50 -20.83 1.48 14.68
C GLU B 50 -19.35 1.29 14.31
N PRO B 51 -19.02 1.37 13.02
CA PRO B 51 -17.63 1.20 12.57
C PRO B 51 -16.69 2.21 13.24
N LEU B 52 -17.10 3.46 13.27
CA LEU B 52 -16.28 4.50 13.89
C LEU B 52 -16.12 4.27 15.39
N LEU B 53 -17.19 3.85 16.06
CA LEU B 53 -17.10 3.59 17.48
C LEU B 53 -16.07 2.48 17.74
N HIS B 54 -16.09 1.45 16.90
CA HIS B 54 -15.13 0.36 17.07
C HIS B 54 -13.70 0.81 16.88
N LEU B 55 -13.48 1.71 15.93
CA LEU B 55 -12.14 2.23 15.71
C LEU B 55 -11.70 3.06 16.90
N LEU B 56 -12.63 3.84 17.47
CA LEU B 56 -12.30 4.65 18.63
C LEU B 56 -11.96 3.75 19.82
N ARG B 57 -12.77 2.72 20.03
CA ARG B 57 -12.53 1.77 21.11
C ARG B 57 -11.17 1.08 20.94
N ASN B 58 -10.82 0.72 19.70
CA ASN B 58 -9.53 0.07 19.44
C ASN B 58 -8.39 0.99 19.83
N ALA B 59 -8.56 2.27 19.54
CA ALA B 59 -7.52 3.24 19.84
C ALA B 59 -7.28 3.40 21.33
N ILE B 60 -8.37 3.44 22.10
CA ILE B 60 -8.29 3.59 23.55
C ILE B 60 -7.82 2.31 24.23
N ASP B 61 -8.27 1.18 23.70
CA ASP B 61 -7.92 -0.13 24.25
C ASP B 61 -6.54 -0.66 23.84
N HIS B 62 -6.33 -0.81 22.53
CA HIS B 62 -5.09 -1.36 22.00
C HIS B 62 -4.02 -0.33 21.65
N GLY B 63 -4.44 0.92 21.44
CA GLY B 63 -3.50 1.94 21.06
C GLY B 63 -2.83 2.72 22.17
N ILE B 64 -3.57 3.65 22.76
CA ILE B 64 -3.04 4.49 23.84
C ILE B 64 -2.57 3.61 24.99
N GLU B 65 -1.32 3.80 25.39
CA GLU B 65 -0.69 3.04 26.46
C GLU B 65 -0.95 3.65 27.84
N PRO B 66 -0.82 2.83 28.91
CA PRO B 66 -1.03 3.33 30.26
C PRO B 66 -0.02 4.47 30.45
N LYS B 67 -0.35 5.44 31.28
CA LYS B 67 0.54 6.58 31.50
C LYS B 67 1.98 6.18 31.81
N GLU B 68 2.16 5.19 32.69
CA GLU B 68 3.49 4.74 33.07
C GLU B 68 4.30 4.25 31.87
N GLU B 69 3.61 3.58 30.95
CA GLU B 69 4.26 3.07 29.76
C GLU B 69 4.62 4.19 28.81
N ARG B 70 3.73 5.17 28.68
CA ARG B 70 4.00 6.29 27.79
C ARG B 70 5.23 7.08 28.26
N ILE B 71 5.34 7.27 29.57
CA ILE B 71 6.47 7.99 30.14
C ILE B 71 7.74 7.18 29.92
N ALA B 72 7.62 5.86 30.03
CA ALA B 72 8.77 4.99 29.83
C ALA B 72 9.28 5.10 28.40
N LYS B 73 8.39 5.49 27.49
CA LYS B 73 8.74 5.63 26.07
C LYS B 73 9.13 7.06 25.71
N GLY B 74 9.14 7.95 26.69
CA GLY B 74 9.48 9.32 26.40
C GLY B 74 8.38 10.01 25.59
N LYS B 75 7.14 9.53 25.72
CA LYS B 75 6.01 10.11 24.99
C LYS B 75 5.18 11.03 25.88
N PRO B 76 4.36 11.90 25.27
CA PRO B 76 3.53 12.79 26.08
C PRO B 76 2.73 11.90 27.04
N PRO B 77 2.56 12.31 28.29
CA PRO B 77 1.82 11.55 29.31
C PRO B 77 0.43 11.16 28.87
N ILE B 78 -0.26 12.11 28.25
CA ILE B 78 -1.63 11.91 27.80
C ILE B 78 -1.65 11.52 26.32
N GLY B 79 -2.44 10.51 26.01
CA GLY B 79 -2.58 10.08 24.63
C GLY B 79 -3.47 11.04 23.86
N THR B 80 -3.31 11.06 22.54
CA THR B 80 -4.11 11.91 21.67
C THR B 80 -4.92 11.06 20.69
N LEU B 81 -6.22 11.31 20.61
CA LEU B 81 -7.09 10.57 19.71
C LEU B 81 -7.85 11.61 18.88
N ILE B 82 -7.66 11.55 17.56
CA ILE B 82 -8.28 12.50 16.65
C ILE B 82 -9.26 11.88 15.67
N LEU B 83 -10.46 12.45 15.61
CA LEU B 83 -11.49 12.00 14.70
C LEU B 83 -11.73 13.19 13.79
N SER B 84 -11.51 13.02 12.49
CA SER B 84 -11.69 14.12 11.56
C SER B 84 -12.48 13.76 10.32
N ALA B 85 -13.07 14.77 9.71
CA ALA B 85 -13.83 14.58 8.48
C ALA B 85 -13.55 15.78 7.59
N ARG B 86 -13.62 15.54 6.29
CA ARG B 86 -13.39 16.59 5.30
C ARG B 86 -13.79 16.06 3.94
N HIS B 87 -13.88 16.97 2.97
CA HIS B 87 -14.22 16.60 1.61
C HIS B 87 -12.93 16.61 0.80
N GLU B 88 -12.79 15.63 -0.08
CA GLU B 88 -11.63 15.51 -0.95
C GLU B 88 -12.14 15.15 -2.34
N GLY B 89 -12.54 16.16 -3.10
CA GLY B 89 -13.06 15.89 -4.43
C GLY B 89 -14.43 15.24 -4.32
N ASN B 90 -14.59 14.07 -4.90
CA ASN B 90 -15.88 13.39 -4.84
C ASN B 90 -16.03 12.33 -3.76
N ASN B 91 -15.48 12.60 -2.58
CA ASN B 91 -15.66 11.68 -1.47
C ASN B 91 -15.41 12.31 -0.11
N VAL B 92 -16.04 11.74 0.91
CA VAL B 92 -15.91 12.20 2.28
C VAL B 92 -14.81 11.38 2.91
N VAL B 93 -13.83 12.04 3.50
CA VAL B 93 -12.72 11.35 4.14
C VAL B 93 -12.83 11.46 5.66
N ILE B 94 -12.89 10.32 6.32
CA ILE B 94 -12.98 10.28 7.78
C ILE B 94 -11.73 9.57 8.28
N GLU B 95 -11.07 10.17 9.27
CA GLU B 95 -9.86 9.58 9.84
C GLU B 95 -9.96 9.41 11.35
N VAL B 96 -9.42 8.29 11.82
CA VAL B 96 -9.35 7.99 13.25
C VAL B 96 -7.85 7.78 13.49
N GLU B 97 -7.24 8.70 14.23
CA GLU B 97 -5.81 8.61 14.48
C GLU B 97 -5.42 8.69 15.95
N ASP B 98 -4.57 7.78 16.40
CA ASP B 98 -4.09 7.80 17.77
C ASP B 98 -2.57 7.80 17.78
N ASP B 99 -1.97 8.29 18.86
CA ASP B 99 -0.51 8.27 18.97
C ASP B 99 -0.09 7.20 19.97
N GLY B 100 -0.75 6.05 19.87
CA GLY B 100 -0.50 4.93 20.76
C GLY B 100 0.68 4.04 20.33
N ARG B 101 0.69 2.80 20.84
CA ARG B 101 1.77 1.85 20.56
C ARG B 101 1.86 1.32 19.12
N GLY B 102 0.78 1.48 18.36
CA GLY B 102 0.79 0.98 17.00
C GLY B 102 0.39 -0.50 16.97
N ILE B 103 -0.14 -0.92 15.83
CA ILE B 103 -0.54 -2.31 15.66
C ILE B 103 0.69 -3.21 15.62
N ASP B 104 0.65 -4.29 16.38
CA ASP B 104 1.77 -5.23 16.45
C ASP B 104 1.72 -6.11 15.21
N LYS B 105 2.60 -5.82 14.25
CA LYS B 105 2.63 -6.56 13.00
C LYS B 105 3.09 -7.99 13.10
N GLU B 106 3.92 -8.29 14.10
CA GLU B 106 4.40 -9.65 14.28
C GLU B 106 3.24 -10.50 14.77
N LYS B 107 2.43 -9.92 15.65
CA LYS B 107 1.27 -10.58 16.20
C LYS B 107 0.31 -10.93 15.06
N ILE B 108 0.11 -10.01 14.14
CA ILE B 108 -0.78 -10.27 13.00
C ILE B 108 -0.25 -11.43 12.15
N ILE B 109 1.03 -11.42 11.84
CA ILE B 109 1.63 -12.49 11.05
C ILE B 109 1.42 -13.83 11.75
N ARG B 110 1.68 -13.87 13.05
CA ARG B 110 1.51 -15.10 13.80
C ARG B 110 0.06 -15.60 13.75
N LYS B 111 -0.89 -14.68 13.86
CA LYS B 111 -2.29 -15.04 13.80
C LYS B 111 -2.67 -15.52 12.41
N ALA B 112 -2.15 -14.86 11.38
CA ALA B 112 -2.45 -15.25 10.00
C ALA B 112 -1.94 -16.67 9.72
N ILE B 113 -0.77 -16.99 10.26
CA ILE B 113 -0.19 -18.31 10.07
C ILE B 113 -1.04 -19.36 10.78
N GLU B 114 -1.44 -19.08 12.01
CA GLU B 114 -2.24 -20.04 12.76
C GLU B 114 -3.61 -20.23 12.11
N LYS B 115 -4.11 -19.17 11.46
CA LYS B 115 -5.42 -19.22 10.81
C LYS B 115 -5.34 -19.92 9.46
N GLY B 116 -4.14 -20.33 9.08
CA GLY B 116 -3.94 -21.02 7.82
C GLY B 116 -4.05 -20.14 6.59
N LEU B 117 -3.87 -18.84 6.76
CA LEU B 117 -3.97 -17.90 5.65
C LEU B 117 -2.67 -17.78 4.87
N ILE B 118 -1.56 -18.11 5.52
CA ILE B 118 -0.24 -18.07 4.90
C ILE B 118 0.67 -18.96 5.73
N ASP B 119 1.84 -19.30 5.18
CA ASP B 119 2.79 -20.12 5.90
C ASP B 119 3.96 -19.23 6.33
N GLU B 120 4.91 -19.81 7.06
CA GLU B 120 6.05 -19.04 7.53
C GLU B 120 6.84 -18.41 6.39
N SER B 121 7.10 -19.20 5.35
CA SER B 121 7.89 -18.73 4.21
C SER B 121 7.35 -17.48 3.53
N LYS B 122 6.06 -17.48 3.20
CA LYS B 122 5.47 -16.31 2.54
C LYS B 122 5.34 -15.13 3.49
N ALA B 123 5.07 -15.43 4.76
CA ALA B 123 4.91 -14.38 5.76
C ALA B 123 6.18 -13.55 5.94
N ALA B 124 7.33 -14.20 5.82
CA ALA B 124 8.61 -13.54 6.01
C ALA B 124 8.88 -12.35 5.10
N THR B 125 8.30 -12.35 3.90
CA THR B 125 8.53 -11.27 2.95
C THR B 125 7.39 -10.26 2.79
N LEU B 126 6.31 -10.43 3.55
CA LEU B 126 5.18 -9.50 3.44
C LEU B 126 5.56 -8.07 3.77
N SER B 127 5.01 -7.12 3.03
CA SER B 127 5.29 -5.71 3.30
C SER B 127 4.45 -5.34 4.51
N ASP B 128 4.83 -4.26 5.21
CA ASP B 128 4.06 -3.83 6.37
C ASP B 128 2.59 -3.65 5.99
N GLN B 129 2.33 -3.04 4.84
CA GLN B 129 0.96 -2.83 4.42
C GLN B 129 0.22 -4.14 4.15
N GLU B 130 0.92 -5.14 3.62
CA GLU B 130 0.27 -6.42 3.34
C GLU B 130 -0.10 -7.08 4.66
N ILE B 131 0.74 -6.88 5.67
CA ILE B 131 0.47 -7.46 6.99
C ILE B 131 -0.77 -6.82 7.59
N LEU B 132 -0.78 -5.50 7.61
CA LEU B 132 -1.91 -4.78 8.17
C LEU B 132 -3.22 -5.13 7.47
N ASN B 133 -3.16 -5.36 6.16
CA ASN B 133 -4.38 -5.68 5.43
C ASN B 133 -5.05 -7.01 5.81
N PHE B 134 -4.32 -7.88 6.51
CA PHE B 134 -4.90 -9.15 6.95
C PHE B 134 -6.09 -8.90 7.88
N LEU B 135 -6.07 -7.75 8.56
CA LEU B 135 -7.15 -7.39 9.47
C LEU B 135 -8.48 -7.19 8.72
N PHE B 136 -8.42 -7.09 7.39
CA PHE B 136 -9.62 -6.89 6.58
C PHE B 136 -10.24 -8.20 6.11
N VAL B 137 -9.54 -9.31 6.34
CA VAL B 137 -10.04 -10.60 5.93
C VAL B 137 -11.21 -11.07 6.81
N PRO B 138 -12.36 -11.38 6.18
CA PRO B 138 -13.50 -11.83 6.99
C PRO B 138 -13.17 -12.98 7.92
N GLY B 139 -13.57 -12.85 9.18
CA GLY B 139 -13.31 -13.89 10.15
C GLY B 139 -11.94 -13.82 10.80
N PHE B 140 -11.09 -12.89 10.35
CA PHE B 140 -9.77 -12.78 10.95
C PHE B 140 -9.92 -12.45 12.43
N SER B 141 -10.81 -11.50 12.73
CA SER B 141 -11.04 -11.11 14.12
C SER B 141 -11.65 -12.26 14.92
N VAL B 154 -18.10 -5.75 15.67
CA VAL B 154 -16.74 -6.09 16.16
C VAL B 154 -15.80 -6.52 15.05
N GLY B 155 -14.51 -6.37 15.28
CA GLY B 155 -13.54 -6.78 14.29
C GLY B 155 -13.35 -5.81 13.14
N MET B 156 -12.09 -5.63 12.75
CA MET B 156 -11.75 -4.74 11.66
C MET B 156 -12.34 -5.31 10.38
N ASP B 157 -12.57 -6.62 10.36
CA ASP B 157 -13.14 -7.24 9.17
C ASP B 157 -14.58 -6.77 8.94
N VAL B 158 -15.32 -6.59 10.04
CA VAL B 158 -16.69 -6.12 9.94
C VAL B 158 -16.66 -4.63 9.60
N VAL B 159 -15.73 -3.89 10.18
CA VAL B 159 -15.62 -2.46 9.86
C VAL B 159 -15.46 -2.31 8.35
N LYS B 160 -14.53 -3.06 7.77
CA LYS B 160 -14.27 -2.99 6.34
C LYS B 160 -15.49 -3.38 5.51
N ASN B 161 -16.19 -4.42 5.96
CA ASN B 161 -17.38 -4.88 5.25
C ASN B 161 -18.47 -3.81 5.21
N VAL B 162 -18.72 -3.17 6.36
CA VAL B 162 -19.74 -2.12 6.43
C VAL B 162 -19.33 -0.94 5.56
N VAL B 163 -18.06 -0.55 5.64
CA VAL B 163 -17.61 0.57 4.82
C VAL B 163 -17.82 0.22 3.35
N GLU B 164 -17.53 -1.02 2.99
CA GLU B 164 -17.72 -1.48 1.62
C GLU B 164 -19.19 -1.45 1.22
N SER B 165 -20.07 -1.78 2.16
CA SER B 165 -21.50 -1.80 1.88
C SER B 165 -22.02 -0.38 1.59
N LEU B 166 -21.23 0.62 1.96
CA LEU B 166 -21.61 2.01 1.72
C LEU B 166 -20.93 2.48 0.45
N ASN B 167 -20.34 1.53 -0.28
CA ASN B 167 -19.61 1.85 -1.52
C ASN B 167 -18.37 2.65 -1.20
N GLY B 168 -17.85 2.49 0.02
CA GLY B 168 -16.65 3.22 0.41
C GLY B 168 -15.41 2.35 0.44
N SER B 169 -14.31 2.95 0.90
CA SER B 169 -13.04 2.25 1.00
C SER B 169 -12.40 2.55 2.34
N ILE B 170 -11.51 1.65 2.78
CA ILE B 170 -10.83 1.83 4.05
C ILE B 170 -9.34 1.49 3.93
N SER B 171 -8.52 2.25 4.64
CA SER B 171 -7.07 2.07 4.65
C SER B 171 -6.55 2.13 6.08
N ILE B 172 -5.42 1.47 6.33
CA ILE B 172 -4.81 1.48 7.65
C ILE B 172 -3.34 1.81 7.54
N GLU B 173 -2.87 2.66 8.44
CA GLU B 173 -1.47 3.05 8.51
C GLU B 173 -1.08 2.92 9.97
N SER B 174 0.05 2.30 10.25
CA SER B 174 0.48 2.14 11.64
C SER B 174 1.95 1.81 11.75
N GLU B 175 2.62 2.45 12.70
CA GLU B 175 4.04 2.23 12.94
C GLU B 175 4.29 2.13 14.44
N LYS B 176 5.24 1.28 14.81
CA LYS B 176 5.56 1.06 16.21
C LYS B 176 5.83 2.36 16.97
N ASP B 177 5.10 2.54 18.06
CA ASP B 177 5.20 3.72 18.93
C ASP B 177 4.68 5.03 18.35
N LYS B 178 4.44 5.08 17.05
CA LYS B 178 3.92 6.29 16.43
C LYS B 178 2.42 6.32 16.66
N GLY B 179 1.79 5.19 16.39
CA GLY B 179 0.35 5.11 16.54
C GLY B 179 -0.30 4.49 15.32
N THR B 180 -1.60 4.73 15.17
CA THR B 180 -2.37 4.18 14.08
C THR B 180 -3.36 5.16 13.51
N LYS B 181 -3.48 5.18 12.18
CA LYS B 181 -4.42 6.07 11.51
C LYS B 181 -5.24 5.23 10.55
N VAL B 182 -6.55 5.21 10.78
CA VAL B 182 -7.45 4.47 9.90
C VAL B 182 -8.21 5.50 9.08
N THR B 183 -8.18 5.32 7.76
CA THR B 183 -8.86 6.26 6.88
C THR B 183 -10.01 5.61 6.13
N ILE B 184 -11.17 6.23 6.22
CA ILE B 184 -12.36 5.76 5.54
C ILE B 184 -12.80 6.81 4.53
N ARG B 185 -13.05 6.36 3.30
CA ARG B 185 -13.51 7.25 2.23
C ARG B 185 -14.89 6.82 1.77
N LEU B 186 -15.87 7.71 1.90
CA LEU B 186 -17.24 7.42 1.48
C LEU B 186 -17.59 8.28 0.28
N PRO B 187 -18.40 7.75 -0.63
CA PRO B 187 -18.77 8.53 -1.81
C PRO B 187 -19.52 9.80 -1.47
N LEU B 188 -19.28 10.85 -2.26
CA LEU B 188 -19.95 12.12 -2.03
C LEU B 188 -21.12 12.16 -2.99
N THR B 189 -22.25 11.60 -2.57
CA THR B 189 -23.45 11.57 -3.40
C THR B 189 -24.60 12.29 -2.69
#